data_4JE8
#
_entry.id   4JE8
#
_cell.length_a   51.550
_cell.length_b   74.710
_cell.length_c   109.760
_cell.angle_alpha   90.00
_cell.angle_beta   90.00
_cell.angle_gamma   90.00
#
_symmetry.space_group_name_H-M   'P 21 21 21'
#
loop_
_entity.id
_entity.type
_entity.pdbx_description
1 polymer 'Peptide deformylase 1A, chloroplastic/mitochondrial'
2 polymer 'tripeptide Met-Ala-Ser'
3 non-polymer 'ZINC ION'
4 water water
#
loop_
_entity_poly.entity_id
_entity_poly.type
_entity_poly.pdbx_seq_one_letter_code
_entity_poly.pdbx_strand_id
1 'polypeptide(L)'
;MDLPEIVASGDPVLHEKAREVDPGEIGSERIQKIIDDMIKVMRLAPCVGLAAPQIGVPLRIIVLEDTKEYISYAPKEEIL
AQERRHFDLMVMVNPVLKERSNKKALFFEGCESVDGFRAAVERYLEVVVTGYDRQGKRIEVNASGWQARILQHECDHLDG
NLYVDKMVPRTFRTVDNLDLPLAEGCPKLGSHHHHHH
;
A,B
2 'polypeptide(L)' MAS D,E
#
# COMPACT_ATOMS: atom_id res chain seq x y z
N ASP A 2 -0.26 27.78 -15.34
CA ASP A 2 -0.93 26.47 -15.30
C ASP A 2 -0.41 25.75 -14.10
N LEU A 3 -1.32 25.11 -13.37
CA LEU A 3 -1.00 24.52 -12.10
C LEU A 3 -0.73 23.06 -12.30
N PRO A 4 0.44 22.59 -11.79
CA PRO A 4 0.82 21.19 -11.92
C PRO A 4 -0.14 20.23 -11.19
N GLU A 5 -0.15 18.97 -11.60
CA GLU A 5 -0.99 17.99 -11.04
C GLU A 5 -0.05 17.31 -10.06
N ILE A 6 -0.62 16.80 -8.97
CA ILE A 6 -0.09 15.81 -8.14
C ILE A 6 0.16 14.54 -8.96
N VAL A 7 1.35 13.95 -8.72
CA VAL A 7 1.88 12.81 -9.42
C VAL A 7 1.52 11.58 -8.60
N ALA A 8 1.07 10.50 -9.21
CA ALA A 8 0.69 9.31 -8.45
C ALA A 8 1.83 8.24 -8.34
N SER A 9 1.70 7.43 -7.30
CA SER A 9 2.57 6.31 -7.12
C SER A 9 2.83 5.57 -8.44
N GLY A 10 4.09 5.22 -8.74
CA GLY A 10 4.45 4.44 -9.87
C GLY A 10 5.28 5.40 -10.75
N ASP A 11 5.11 6.72 -10.58
CA ASP A 11 5.87 7.71 -11.38
C ASP A 11 7.29 7.77 -10.84
N PRO A 12 8.35 7.45 -11.66
CA PRO A 12 9.65 7.27 -10.98
C PRO A 12 10.14 8.49 -10.25
N VAL A 13 9.65 9.70 -10.57
CA VAL A 13 10.12 10.92 -9.83
C VAL A 13 9.80 10.78 -8.32
N LEU A 14 8.86 9.90 -7.94
CA LEU A 14 8.47 9.81 -6.52
C LEU A 14 9.26 8.80 -5.77
N HIS A 15 10.09 8.03 -6.50
CA HIS A 15 10.78 6.85 -6.00
C HIS A 15 12.30 6.88 -6.16
N GLU A 16 12.82 8.09 -6.44
CA GLU A 16 14.23 8.33 -6.66
C GLU A 16 14.60 9.60 -5.93
N LYS A 17 15.89 9.79 -5.69
CA LYS A 17 16.29 10.74 -4.69
C LYS A 17 16.30 12.06 -5.39
N ALA A 18 15.57 13.06 -4.86
CA ALA A 18 15.61 14.43 -5.46
C ALA A 18 16.91 15.12 -5.14
N ARG A 19 17.25 16.13 -5.95
CA ARG A 19 18.53 16.82 -5.93
C ARG A 19 18.39 18.15 -5.26
N GLU A 20 19.49 18.64 -4.67
CA GLU A 20 19.47 19.85 -3.89
C GLU A 20 19.30 21.08 -4.76
N VAL A 21 18.55 22.08 -4.30
CA VAL A 21 18.65 23.40 -4.90
C VAL A 21 20.01 24.02 -4.53
N ASP A 22 20.65 24.60 -5.55
CA ASP A 22 21.83 25.43 -5.39
C ASP A 22 21.30 26.61 -4.56
N PRO A 23 21.88 26.77 -3.35
CA PRO A 23 21.36 27.79 -2.42
C PRO A 23 21.42 29.22 -3.00
N GLY A 24 22.30 29.48 -3.99
CA GLY A 24 22.34 30.81 -4.60
C GLY A 24 21.12 31.06 -5.50
N GLU A 25 20.43 29.96 -5.87
CA GLU A 25 19.30 30.01 -6.79
C GLU A 25 17.93 30.20 -6.05
N ILE A 26 17.87 29.88 -4.78
CA ILE A 26 16.60 29.87 -4.01
C ILE A 26 15.58 31.03 -4.25
N GLY A 27 16.10 32.25 -4.42
CA GLY A 27 15.31 33.47 -4.65
C GLY A 27 15.04 33.83 -6.09
N SER A 28 15.39 32.96 -7.04
CA SER A 28 15.04 33.24 -8.48
C SER A 28 13.54 33.11 -8.70
N GLU A 29 12.97 33.79 -9.70
CA GLU A 29 11.54 33.67 -10.03
C GLU A 29 11.17 32.23 -10.23
N ARG A 30 12.14 31.45 -10.66
CA ARG A 30 11.97 30.01 -10.99
C ARG A 30 11.71 29.06 -9.80
N ILE A 31 12.53 29.12 -8.79
CA ILE A 31 12.32 28.36 -7.60
C ILE A 31 11.10 28.97 -6.84
N GLN A 32 10.94 30.29 -6.90
CA GLN A 32 9.82 30.92 -6.24
C GLN A 32 8.48 30.39 -6.82
N LYS A 33 8.47 30.09 -8.11
CA LYS A 33 7.26 29.64 -8.82
C LYS A 33 6.94 28.20 -8.50
N ILE A 34 7.93 27.32 -8.53
CA ILE A 34 7.78 26.03 -8.00
C ILE A 34 7.28 26.04 -6.55
N ILE A 35 7.81 26.90 -5.72
CA ILE A 35 7.34 26.99 -4.34
C ILE A 35 5.83 27.41 -4.18
N ASP A 36 5.44 28.45 -4.93
CA ASP A 36 4.11 29.01 -4.97
C ASP A 36 3.16 28.02 -5.51
N ASP A 37 3.64 27.14 -6.42
CA ASP A 37 2.83 26.09 -7.06
C ASP A 37 2.46 24.98 -6.10
N MET A 38 3.46 24.52 -5.35
CA MET A 38 3.33 23.70 -4.12
C MET A 38 2.38 24.20 -3.12
N ILE A 39 2.51 25.45 -2.79
CA ILE A 39 1.62 26.03 -1.78
C ILE A 39 0.20 25.91 -2.33
N LYS A 40 -0.02 26.25 -3.61
CA LYS A 40 -1.43 26.25 -4.18
C LYS A 40 -2.06 24.85 -4.37
N VAL A 41 -1.22 23.91 -4.79
CA VAL A 41 -1.63 22.52 -4.92
C VAL A 41 -2.00 21.94 -3.50
N MET A 42 -1.26 22.35 -2.46
CA MET A 42 -1.48 21.94 -1.07
C MET A 42 -2.76 22.51 -0.57
N ARG A 43 -2.97 23.78 -0.79
CA ARG A 43 -4.22 24.39 -0.32
C ARG A 43 -5.46 24.00 -1.11
N LEU A 44 -5.28 23.54 -2.32
CA LEU A 44 -6.38 23.03 -3.14
C LEU A 44 -6.88 21.61 -2.79
N ALA A 45 -5.96 20.76 -2.37
CA ALA A 45 -6.22 19.35 -2.10
C ALA A 45 -7.35 19.05 -1.15
N PRO A 46 -7.41 19.64 0.11
CA PRO A 46 -6.39 20.28 0.93
C PRO A 46 -5.56 19.24 1.68
N CYS A 47 -4.37 19.68 2.09
CA CYS A 47 -3.54 18.77 2.83
C CYS A 47 -2.62 19.55 3.76
N VAL A 48 -1.85 18.86 4.56
CA VAL A 48 -1.04 19.55 5.48
C VAL A 48 0.42 19.70 5.07
N GLY A 49 0.83 19.10 3.95
CA GLY A 49 2.27 18.93 3.58
C GLY A 49 2.35 18.45 2.13
N LEU A 50 3.38 18.90 1.40
CA LEU A 50 3.64 18.50 0.00
C LEU A 50 5.17 18.52 -0.20
N ALA A 51 5.72 17.59 -0.98
CA ALA A 51 7.13 17.64 -1.41
C ALA A 51 7.27 17.82 -2.98
N ALA A 52 8.41 18.41 -3.40
CA ALA A 52 8.52 18.85 -4.83
C ALA A 52 8.32 17.67 -5.75
N PRO A 53 8.95 16.48 -5.50
CA PRO A 53 8.63 15.33 -6.35
C PRO A 53 7.18 15.00 -6.65
N GLN A 54 6.24 15.33 -5.76
CA GLN A 54 4.79 15.10 -5.96
C GLN A 54 4.13 16.05 -6.94
N ILE A 55 4.83 17.06 -7.42
CA ILE A 55 4.35 17.91 -8.56
C ILE A 55 5.28 17.78 -9.73
N GLY A 56 6.09 16.71 -9.69
CA GLY A 56 6.96 16.36 -10.86
C GLY A 56 8.28 17.11 -10.81
N VAL A 57 8.60 17.88 -9.75
CA VAL A 57 9.90 18.60 -9.74
C VAL A 57 11.00 17.86 -8.95
N PRO A 58 12.08 17.41 -9.60
CA PRO A 58 12.98 16.51 -8.83
C PRO A 58 13.95 17.25 -7.83
N LEU A 59 13.44 18.14 -6.95
CA LEU A 59 14.24 19.03 -6.11
C LEU A 59 13.97 18.85 -4.62
N ARG A 60 14.97 19.13 -3.78
CA ARG A 60 14.82 19.11 -2.34
C ARG A 60 14.07 20.28 -1.74
N ILE A 61 12.74 20.25 -1.84
CA ILE A 61 11.84 21.36 -1.35
C ILE A 61 10.60 20.76 -0.68
N ILE A 62 10.28 21.24 0.51
CA ILE A 62 9.03 20.82 1.13
C ILE A 62 8.23 21.99 1.62
N VAL A 63 6.91 21.91 1.64
CA VAL A 63 6.05 22.94 2.23
C VAL A 63 5.10 22.23 3.28
N LEU A 64 4.61 22.93 4.31
CA LEU A 64 3.68 22.36 5.19
C LEU A 64 2.88 23.46 5.95
N GLU A 65 1.68 23.09 6.36
CA GLU A 65 0.77 24.05 7.02
C GLU A 65 -0.27 23.17 7.64
N ASP A 66 -0.71 23.48 8.87
CA ASP A 66 -1.88 22.83 9.46
C ASP A 66 -2.70 23.91 10.15
N THR A 67 -3.96 24.03 9.76
CA THR A 67 -4.69 25.23 10.12
C THR A 67 -5.63 24.92 11.25
N LYS A 68 -6.06 25.93 12.02
CA LYS A 68 -7.08 25.70 13.00
C LYS A 68 -8.29 25.08 12.34
N GLU A 69 -8.70 25.57 11.19
CA GLU A 69 -9.87 25.05 10.48
C GLU A 69 -9.87 23.54 10.11
N TYR A 70 -8.74 22.98 9.64
CA TYR A 70 -8.67 21.54 9.29
C TYR A 70 -8.82 20.72 10.54
N ILE A 71 -8.25 21.26 11.62
CA ILE A 71 -7.97 20.56 12.89
C ILE A 71 -9.28 20.42 13.65
N SER A 72 -10.12 21.45 13.58
CA SER A 72 -11.47 21.46 14.14
C SER A 72 -12.47 20.53 13.41
N TYR A 73 -11.93 19.57 12.68
CA TYR A 73 -12.71 18.49 12.03
C TYR A 73 -12.45 17.13 12.69
N ALA A 74 -11.25 17.00 13.27
CA ALA A 74 -10.82 15.76 13.88
C ALA A 74 -11.44 15.65 15.30
N PRO A 75 -11.76 14.42 15.74
CA PRO A 75 -12.21 14.22 17.12
C PRO A 75 -11.22 14.92 18.10
N LYS A 76 -11.73 15.70 19.07
CA LYS A 76 -10.96 16.61 19.96
C LYS A 76 -9.90 15.90 20.83
N GLU A 77 -10.17 14.58 21.00
CA GLU A 77 -9.44 13.63 21.81
C GLU A 77 -8.34 13.00 21.04
N GLU A 78 -8.59 12.68 19.79
CA GLU A 78 -7.52 12.35 18.82
C GLU A 78 -6.56 13.52 18.54
N ILE A 79 -7.07 14.76 18.47
CA ILE A 79 -6.17 15.93 18.30
C ILE A 79 -5.16 15.89 19.50
N LEU A 80 -5.68 15.53 20.69
CA LEU A 80 -4.93 15.44 21.94
C LEU A 80 -3.90 14.30 21.95
N ALA A 81 -4.25 13.11 21.53
CA ALA A 81 -3.27 12.01 21.42
C ALA A 81 -2.16 12.31 20.42
N GLN A 82 -2.52 12.85 19.26
CA GLN A 82 -1.56 13.07 18.20
C GLN A 82 -0.63 14.23 18.41
N GLU A 83 -1.03 15.11 19.34
CA GLU A 83 -0.40 16.38 19.68
C GLU A 83 -0.33 17.27 18.47
N ARG A 84 -1.53 17.46 17.89
CA ARG A 84 -1.73 18.08 16.54
C ARG A 84 -2.08 19.55 16.77
N ARG A 85 -1.13 20.44 16.48
CA ARG A 85 -1.35 21.86 16.78
C ARG A 85 -1.10 22.65 15.48
N HIS A 86 -1.84 23.75 15.32
CA HIS A 86 -1.69 24.52 14.08
C HIS A 86 -0.31 25.18 14.00
N PHE A 87 0.13 25.48 12.78
CA PHE A 87 1.40 26.16 12.59
C PHE A 87 1.33 26.81 11.24
N ASP A 88 1.69 28.09 11.16
CA ASP A 88 1.89 28.81 9.90
C ASP A 88 2.59 28.01 8.84
N LEU A 89 2.23 28.32 7.58
CA LEU A 89 2.95 27.92 6.37
C LEU A 89 4.46 27.97 6.62
N MET A 90 5.08 26.82 6.35
CA MET A 90 6.52 26.59 6.46
C MET A 90 6.96 26.14 5.10
N VAL A 91 7.99 26.81 4.56
CA VAL A 91 8.74 26.35 3.35
C VAL A 91 10.20 25.98 3.72
N MET A 92 10.67 24.76 3.45
CA MET A 92 12.10 24.48 3.61
C MET A 92 12.77 23.91 2.35
N VAL A 93 13.83 24.56 1.92
CA VAL A 93 14.71 24.09 0.86
C VAL A 93 15.94 23.29 1.43
N ASN A 94 16.27 22.20 0.76
CA ASN A 94 17.28 21.29 1.22
C ASN A 94 17.15 21.00 2.74
N PRO A 95 16.00 20.48 3.19
CA PRO A 95 15.81 20.13 4.62
C PRO A 95 16.71 18.95 5.06
N VAL A 96 17.39 19.06 6.18
CA VAL A 96 18.02 17.84 6.61
C VAL A 96 17.37 17.46 7.99
N LEU A 97 16.60 16.36 8.08
CA LEU A 97 15.96 15.90 9.34
C LEU A 97 16.78 15.01 10.26
N LYS A 98 16.59 15.24 11.55
CA LYS A 98 17.27 14.48 12.60
C LYS A 98 16.32 14.41 13.79
N GLU A 99 16.15 13.24 14.39
CA GLU A 99 15.40 13.11 15.66
C GLU A 99 16.13 13.66 16.85
N ARG A 100 15.36 14.16 17.81
CA ARG A 100 15.93 14.68 19.03
C ARG A 100 15.93 13.67 20.22
N SER A 101 15.43 12.48 20.00
CA SER A 101 15.30 11.41 21.00
C SER A 101 14.65 10.23 20.22
N ASN A 102 14.72 9.09 20.91
CA ASN A 102 14.34 7.77 20.45
C ASN A 102 12.87 7.53 20.75
N LYS A 103 12.10 8.57 21.12
CA LYS A 103 10.64 8.41 21.27
C LYS A 103 9.88 8.45 19.96
N LYS A 104 8.99 7.47 19.83
CA LYS A 104 8.20 7.23 18.65
C LYS A 104 6.71 7.33 18.98
N ALA A 105 5.93 7.64 17.97
CA ALA A 105 4.43 7.57 18.05
C ALA A 105 3.88 6.85 16.84
N LEU A 106 2.71 6.25 16.96
CA LEU A 106 2.07 5.42 15.92
C LEU A 106 0.62 5.92 15.64
N PHE A 107 0.37 6.37 14.43
CA PHE A 107 -0.94 6.86 14.05
C PHE A 107 -1.06 6.70 12.55
N PHE A 108 -2.27 6.96 12.03
CA PHE A 108 -2.60 6.81 10.63
C PHE A 108 -2.13 8.03 9.83
N GLU A 109 -1.44 7.76 8.70
CA GLU A 109 -1.18 8.78 7.65
C GLU A 109 -1.68 8.40 6.28
N GLY A 110 -1.83 9.41 5.42
CA GLY A 110 -2.15 9.23 4.03
C GLY A 110 -1.25 10.18 3.20
N CYS A 111 -1.33 10.04 1.89
CA CYS A 111 -0.42 10.67 1.03
C CYS A 111 -1.20 10.92 -0.22
N GLU A 112 -1.01 12.10 -0.80
CA GLU A 112 -1.78 12.57 -1.96
C GLU A 112 -1.49 11.72 -3.18
N SER A 113 -0.30 11.11 -3.17
CA SER A 113 0.20 10.14 -4.20
C SER A 113 -0.28 8.70 -4.14
N VAL A 114 -1.00 8.37 -3.06
CA VAL A 114 -1.62 7.08 -2.80
C VAL A 114 -3.06 7.40 -2.29
N ASP A 115 -3.89 7.73 -3.28
CA ASP A 115 -5.17 8.29 -3.12
C ASP A 115 -6.18 7.26 -2.54
N GLY A 116 -6.80 7.51 -1.39
CA GLY A 116 -7.95 6.69 -0.93
C GLY A 116 -7.61 5.72 0.18
N PHE A 117 -6.35 5.76 0.64
CA PHE A 117 -5.84 4.78 1.55
C PHE A 117 -5.17 5.41 2.76
N ARG A 118 -5.08 4.58 3.82
CA ARG A 118 -4.40 4.99 5.05
C ARG A 118 -3.57 3.80 5.54
N ALA A 119 -2.60 4.11 6.36
CA ALA A 119 -1.94 3.11 7.19
C ALA A 119 -1.30 3.76 8.40
N ALA A 120 -1.03 2.93 9.40
CA ALA A 120 -0.41 3.34 10.66
C ALA A 120 1.09 3.30 10.42
N VAL A 121 1.73 4.41 10.76
CA VAL A 121 3.15 4.57 10.55
C VAL A 121 3.73 5.15 11.84
N GLU A 122 4.91 4.62 12.21
CA GLU A 122 5.59 4.94 13.42
C GLU A 122 6.60 6.05 13.03
N ARG A 123 6.58 7.12 13.83
CA ARG A 123 7.35 8.32 13.54
C ARG A 123 8.08 8.61 14.84
N TYR A 124 9.21 9.29 14.69
CA TYR A 124 9.79 10.04 15.77
C TYR A 124 8.83 11.15 16.20
N LEU A 125 8.63 11.23 17.50
CA LEU A 125 7.82 12.27 18.11
C LEU A 125 8.50 13.66 18.11
N GLU A 126 9.83 13.67 18.28
CA GLU A 126 10.69 14.92 18.26
C GLU A 126 11.75 15.02 17.14
N VAL A 127 11.65 16.03 16.30
CA VAL A 127 12.71 16.24 15.26
C VAL A 127 13.43 17.61 15.25
N VAL A 128 14.61 17.70 14.62
CA VAL A 128 15.16 18.97 14.15
C VAL A 128 15.40 18.88 12.64
N VAL A 129 15.02 19.96 11.94
CA VAL A 129 15.28 20.10 10.52
C VAL A 129 16.02 21.44 10.31
N THR A 130 17.25 21.35 9.82
CA THR A 130 18.04 22.49 9.37
C THR A 130 17.76 22.62 7.84
N GLY A 131 18.00 23.78 7.25
CA GLY A 131 17.71 24.00 5.86
C GLY A 131 17.73 25.49 5.50
N TYR A 132 16.92 25.85 4.50
CA TYR A 132 16.81 27.24 4.01
C TYR A 132 15.39 27.54 3.94
N ASP A 133 14.99 28.75 4.24
CA ASP A 133 13.62 29.17 4.04
C ASP A 133 13.51 29.71 2.62
N ARG A 134 12.37 30.32 2.28
CA ARG A 134 12.10 30.58 0.89
C ARG A 134 12.90 31.82 0.33
N GLN A 135 13.68 32.47 1.22
CA GLN A 135 14.49 33.60 0.76
C GLN A 135 15.96 33.29 0.75
N GLY A 136 16.30 32.02 0.77
CA GLY A 136 17.68 31.56 0.83
C GLY A 136 18.38 31.73 2.20
N LYS A 137 17.67 32.14 3.26
CA LYS A 137 18.18 32.23 4.64
C LYS A 137 18.29 30.86 5.41
N ARG A 138 19.36 30.66 6.17
CA ARG A 138 19.63 29.43 6.89
C ARG A 138 18.80 29.41 8.17
N ILE A 139 17.97 28.38 8.29
CA ILE A 139 17.08 28.25 9.43
C ILE A 139 17.33 26.88 10.09
N GLU A 140 16.80 26.69 11.29
CA GLU A 140 16.63 25.36 11.93
C GLU A 140 15.25 25.38 12.53
N VAL A 141 14.68 24.21 12.65
CA VAL A 141 13.30 24.04 13.11
C VAL A 141 13.29 22.82 14.03
N ASN A 142 12.82 23.07 15.24
CA ASN A 142 12.57 22.00 16.17
C ASN A 142 11.03 21.75 16.18
N ALA A 143 10.59 20.48 16.09
CA ALA A 143 9.18 20.10 15.83
C ALA A 143 8.88 18.90 16.66
N SER A 144 7.69 18.86 17.27
CA SER A 144 7.19 17.60 17.91
C SER A 144 5.75 17.31 17.51
N GLY A 145 5.30 16.10 17.83
CA GLY A 145 3.90 15.76 17.66
C GLY A 145 3.60 15.61 16.21
N TRP A 146 2.55 16.26 15.75
CA TRP A 146 2.07 16.01 14.35
C TRP A 146 2.91 16.75 13.35
N GLN A 147 3.21 18.00 13.64
CA GLN A 147 4.30 18.72 12.93
C GLN A 147 5.55 17.89 12.68
N ALA A 148 6.09 17.15 13.65
CA ALA A 148 7.31 16.38 13.39
C ALA A 148 7.04 15.23 12.39
N ARG A 149 5.77 14.76 12.37
CA ARG A 149 5.26 13.65 11.57
C ARG A 149 5.28 14.10 10.16
N ILE A 150 4.64 15.24 9.90
CA ILE A 150 4.60 15.81 8.52
C ILE A 150 6.00 16.12 7.96
N LEU A 151 6.89 16.65 8.81
CA LEU A 151 8.27 16.83 8.43
C LEU A 151 8.90 15.54 7.99
N GLN A 152 8.60 14.43 8.61
CA GLN A 152 9.29 13.22 8.29
C GLN A 152 8.72 12.64 6.98
N HIS A 153 7.42 12.82 6.82
CA HIS A 153 6.65 12.33 5.67
C HIS A 153 7.14 13.00 4.42
N GLU A 154 7.29 14.33 4.47
CA GLU A 154 7.68 15.19 3.35
C GLU A 154 9.20 15.00 3.05
N CYS A 155 9.99 15.02 4.10
CA CYS A 155 11.40 14.70 3.97
C CYS A 155 11.62 13.32 3.32
N ASP A 156 10.95 12.27 3.79
CA ASP A 156 11.01 10.97 3.15
C ASP A 156 10.85 11.03 1.63
N HIS A 157 9.87 11.77 1.14
CA HIS A 157 9.68 11.92 -0.32
C HIS A 157 10.95 12.24 -1.13
N LEU A 158 11.80 13.12 -0.56
CA LEU A 158 12.96 13.69 -1.25
C LEU A 158 14.02 12.58 -1.44
N ASP A 159 13.97 11.54 -0.57
CA ASP A 159 14.86 10.38 -0.81
C ASP A 159 14.15 9.25 -1.52
N GLY A 160 12.96 9.52 -1.99
CA GLY A 160 12.28 8.56 -2.82
C GLY A 160 11.60 7.48 -2.00
N ASN A 161 11.25 7.80 -0.76
CA ASN A 161 10.57 6.91 0.16
C ASN A 161 9.08 7.34 0.41
N LEU A 162 8.12 6.39 0.24
CA LEU A 162 6.69 6.61 0.59
C LEU A 162 6.36 5.71 1.80
N TYR A 163 5.31 6.06 2.56
CA TYR A 163 4.98 5.43 3.80
C TYR A 163 4.52 3.93 3.65
N VAL A 164 4.06 3.52 2.45
CA VAL A 164 3.49 2.20 2.21
C VAL A 164 4.63 1.24 2.33
N ASP A 165 5.82 1.79 2.36
CA ASP A 165 6.99 0.96 2.44
C ASP A 165 7.59 1.05 3.86
N LYS A 166 6.86 1.74 4.73
CA LYS A 166 7.27 1.82 6.16
C LYS A 166 6.09 1.77 7.16
N MET A 167 4.99 1.15 6.74
CA MET A 167 3.78 1.04 7.53
C MET A 167 3.80 -0.28 8.33
N VAL A 168 3.13 -0.31 9.48
CA VAL A 168 2.89 -1.52 10.23
C VAL A 168 1.99 -2.47 9.45
N PRO A 169 2.36 -3.78 9.40
CA PRO A 169 1.54 -4.76 8.73
C PRO A 169 0.10 -4.80 9.26
N ARG A 170 -0.84 -5.05 8.29
CA ARG A 170 -2.23 -5.29 8.56
C ARG A 170 -3.06 -4.09 9.00
N THR A 171 -2.53 -2.90 8.73
CA THR A 171 -3.13 -1.59 9.05
C THR A 171 -3.49 -0.84 7.80
N PHE A 172 -2.89 -1.18 6.64
CA PHE A 172 -3.24 -0.53 5.42
C PHE A 172 -4.75 -0.64 5.19
N ARG A 173 -5.44 0.41 4.73
CA ARG A 173 -6.93 0.47 4.70
C ARG A 173 -7.49 1.54 3.85
N THR A 174 -8.70 1.31 3.33
CA THR A 174 -9.30 2.35 2.48
C THR A 174 -9.62 3.54 3.44
N VAL A 175 -9.70 4.77 2.94
CA VAL A 175 -10.21 5.86 3.80
C VAL A 175 -11.48 5.40 4.52
N ASP A 176 -12.45 4.85 3.80
CA ASP A 176 -13.71 4.41 4.46
C ASP A 176 -13.65 3.45 5.62
N ASN A 177 -12.55 2.69 5.71
CA ASN A 177 -12.38 1.63 6.68
C ASN A 177 -11.51 2.25 7.79
N LEU A 178 -11.24 3.53 7.67
CA LEU A 178 -10.34 4.19 8.60
C LEU A 178 -10.61 3.82 10.06
N ASP A 179 -11.86 3.95 10.53
CA ASP A 179 -12.18 3.73 11.95
C ASP A 179 -12.45 2.25 12.40
N LEU A 180 -12.20 1.29 11.51
CA LEU A 180 -12.44 -0.12 11.84
C LEU A 180 -11.34 -0.63 12.81
N PRO A 181 -11.71 -1.63 13.63
CA PRO A 181 -10.77 -2.05 14.65
C PRO A 181 -9.44 -2.64 14.11
N LEU A 182 -8.32 -2.36 14.73
CA LEU A 182 -7.13 -3.13 14.43
C LEU A 182 -7.27 -4.64 14.72
N ALA A 183 -6.77 -5.44 13.79
CA ALA A 183 -6.54 -6.88 14.00
C ALA A 183 -5.66 -7.27 15.24
N GLU A 184 -5.77 -8.50 15.74
CA GLU A 184 -4.93 -8.95 16.86
C GLU A 184 -3.43 -8.92 16.50
N GLY A 185 -2.59 -8.55 17.49
CA GLY A 185 -1.14 -8.40 17.26
C GLY A 185 -0.66 -7.20 16.42
N CYS A 186 -1.57 -6.29 16.16
CA CYS A 186 -1.22 -4.99 15.65
C CYS A 186 -0.95 -4.16 16.88
N PRO A 187 0.09 -3.28 16.86
CA PRO A 187 0.33 -2.50 18.08
C PRO A 187 -0.77 -1.41 18.28
N LYS A 188 -0.94 -0.87 19.48
CA LYS A 188 -1.99 0.13 19.69
C LYS A 188 -1.48 1.46 19.09
N LEU A 189 -2.38 2.33 18.61
CA LEU A 189 -1.99 3.67 18.21
C LEU A 189 -1.68 4.42 19.48
N GLY A 190 -0.85 5.47 19.40
CA GLY A 190 -0.37 6.29 20.59
C GLY A 190 1.13 6.54 20.55
N SER A 191 1.72 6.83 21.68
CA SER A 191 3.15 7.20 21.82
C SER A 191 3.84 6.65 23.10
N HIS A 192 5.21 6.80 23.15
CA HIS A 192 6.04 6.56 24.43
C HIS A 192 5.97 7.70 25.57
N HIS A 193 5.73 7.25 26.84
CA HIS A 193 5.67 8.14 28.08
C HIS A 193 6.35 9.49 28.02
N LEU B 3 -25.61 -12.12 -3.61
CA LEU B 3 -24.15 -12.29 -3.51
C LEU B 3 -23.57 -11.23 -2.56
N PRO B 4 -22.33 -12.08 -1.80
CA PRO B 4 -21.71 -11.09 -0.93
C PRO B 4 -20.93 -10.08 -1.75
N GLU B 5 -20.76 -8.89 -1.27
CA GLU B 5 -19.73 -8.05 -1.89
C GLU B 5 -18.30 -8.31 -1.44
N ILE B 6 -17.32 -7.89 -2.26
CA ILE B 6 -15.93 -8.04 -1.89
C ILE B 6 -15.58 -7.02 -0.81
N VAL B 7 -14.67 -7.37 0.11
CA VAL B 7 -14.46 -6.61 1.33
C VAL B 7 -13.15 -5.84 1.13
N ALA B 8 -13.09 -4.58 1.53
CA ALA B 8 -11.92 -3.78 1.20
C ALA B 8 -10.88 -3.83 2.36
N SER B 9 -9.64 -3.52 2.08
CA SER B 9 -8.62 -3.46 3.10
C SER B 9 -9.10 -2.55 4.28
N GLY B 10 -9.12 -3.10 5.50
CA GLY B 10 -9.34 -2.36 6.74
C GLY B 10 -10.34 -3.11 7.64
N ASP B 11 -11.15 -3.96 6.98
CA ASP B 11 -12.12 -4.85 7.60
C ASP B 11 -11.31 -5.91 8.25
N PRO B 12 -11.47 -6.05 9.57
CA PRO B 12 -10.60 -6.88 10.36
C PRO B 12 -10.57 -8.32 9.84
N VAL B 13 -11.69 -8.81 9.26
CA VAL B 13 -11.77 -10.10 8.63
C VAL B 13 -10.66 -10.46 7.64
N LEU B 14 -9.98 -9.47 7.08
CA LEU B 14 -8.99 -9.70 6.09
C LEU B 14 -7.61 -9.79 6.70
N HIS B 15 -7.53 -9.50 7.99
CA HIS B 15 -6.24 -9.25 8.62
C HIS B 15 -6.08 -10.22 9.80
N GLU B 16 -6.90 -11.27 9.84
CA GLU B 16 -6.97 -12.24 10.87
C GLU B 16 -7.01 -13.65 10.31
N LYS B 17 -6.41 -14.60 11.02
CA LYS B 17 -6.26 -15.96 10.59
C LYS B 17 -7.62 -16.63 10.42
N ALA B 18 -7.92 -17.18 9.25
CA ALA B 18 -9.25 -17.80 8.98
C ALA B 18 -9.17 -19.16 9.63
N ARG B 19 -10.30 -19.86 9.91
CA ARG B 19 -10.22 -21.19 10.63
C ARG B 19 -10.46 -22.37 9.71
N GLU B 20 -9.80 -23.49 9.97
CA GLU B 20 -10.08 -24.73 9.21
C GLU B 20 -11.54 -25.10 9.21
N VAL B 21 -12.01 -25.54 8.05
CA VAL B 21 -13.34 -26.14 7.96
C VAL B 21 -13.27 -27.63 8.43
N ASP B 22 -14.15 -28.08 9.34
CA ASP B 22 -14.40 -29.56 9.47
C ASP B 22 -14.59 -30.11 8.03
N PRO B 23 -13.67 -31.01 7.56
CA PRO B 23 -13.75 -31.88 6.35
C PRO B 23 -15.01 -32.74 6.19
N GLY B 24 -15.65 -33.01 7.34
CA GLY B 24 -16.85 -33.83 7.38
C GLY B 24 -17.99 -32.86 7.22
N GLU B 25 -17.72 -31.53 7.17
CA GLU B 25 -18.78 -30.53 6.87
C GLU B 25 -18.70 -29.79 5.48
N ILE B 26 -17.66 -30.15 4.74
CA ILE B 26 -17.41 -29.58 3.42
C ILE B 26 -18.64 -29.79 2.54
N GLY B 27 -19.28 -30.98 2.69
CA GLY B 27 -20.51 -31.33 2.06
C GLY B 27 -21.86 -30.72 2.44
N SER B 28 -21.88 -29.80 3.40
CA SER B 28 -23.10 -29.17 3.96
C SER B 28 -23.68 -28.09 3.03
N GLU B 29 -25.01 -27.85 3.14
CA GLU B 29 -25.71 -26.73 2.47
C GLU B 29 -24.82 -25.51 2.54
N ARG B 30 -24.39 -25.20 3.79
CA ARG B 30 -23.75 -23.97 4.22
C ARG B 30 -22.41 -23.73 3.53
N ILE B 31 -21.47 -24.66 3.71
CA ILE B 31 -20.13 -24.52 3.12
C ILE B 31 -20.33 -24.52 1.63
N GLN B 32 -21.08 -25.50 1.11
CA GLN B 32 -21.46 -25.56 -0.32
C GLN B 32 -21.89 -24.18 -0.89
N LYS B 33 -22.79 -23.47 -0.20
CA LYS B 33 -23.30 -22.16 -0.59
C LYS B 33 -22.25 -21.06 -0.59
N ILE B 34 -21.26 -21.17 0.32
CA ILE B 34 -20.17 -20.24 0.40
C ILE B 34 -19.30 -20.47 -0.82
N ILE B 35 -18.90 -21.74 -1.05
CA ILE B 35 -18.03 -22.02 -2.21
C ILE B 35 -18.73 -21.49 -3.47
N ASP B 36 -20.05 -21.76 -3.58
CA ASP B 36 -20.91 -21.22 -4.65
C ASP B 36 -20.80 -19.68 -4.80
N ASP B 37 -20.82 -18.97 -3.68
CA ASP B 37 -20.80 -17.50 -3.62
C ASP B 37 -19.48 -16.93 -4.14
N MET B 38 -18.38 -17.51 -3.64
CA MET B 38 -17.01 -17.26 -4.06
C MET B 38 -16.71 -17.42 -5.57
N ILE B 39 -17.19 -18.49 -6.16
CA ILE B 39 -17.12 -18.70 -7.66
C ILE B 39 -17.82 -17.58 -8.47
N LYS B 40 -19.10 -17.38 -8.17
CA LYS B 40 -19.90 -16.28 -8.72
C LYS B 40 -19.15 -14.98 -8.57
N VAL B 41 -18.78 -14.59 -7.35
CA VAL B 41 -18.03 -13.33 -7.13
C VAL B 41 -16.74 -13.23 -7.89
N MET B 42 -15.88 -14.25 -7.82
CA MET B 42 -14.66 -14.25 -8.63
C MET B 42 -14.92 -13.93 -10.12
N ARG B 43 -15.84 -14.68 -10.76
CA ARG B 43 -16.22 -14.50 -12.17
C ARG B 43 -16.89 -13.18 -12.49
N LEU B 44 -17.46 -12.54 -11.47
CA LEU B 44 -18.19 -11.30 -11.62
C LEU B 44 -17.19 -10.16 -11.63
N ALA B 45 -16.15 -10.17 -10.76
CA ALA B 45 -15.12 -9.10 -10.66
C ALA B 45 -14.53 -8.54 -12.01
N PRO B 46 -14.02 -9.37 -12.95
CA PRO B 46 -13.59 -10.78 -12.96
C PRO B 46 -12.23 -10.81 -12.36
N CYS B 47 -11.85 -11.93 -11.76
CA CYS B 47 -10.49 -12.09 -11.36
C CYS B 47 -10.08 -13.58 -11.40
N VAL B 48 -8.83 -13.86 -11.06
CA VAL B 48 -8.29 -15.19 -11.17
C VAL B 48 -8.25 -16.04 -9.90
N GLY B 49 -8.61 -15.48 -8.74
CA GLY B 49 -8.81 -16.23 -7.55
C GLY B 49 -9.46 -15.33 -6.46
N LEU B 50 -9.92 -15.99 -5.39
CA LEU B 50 -10.59 -15.38 -4.24
C LEU B 50 -10.37 -16.23 -2.93
N ALA B 51 -10.31 -15.57 -1.78
CA ALA B 51 -10.25 -16.23 -0.50
C ALA B 51 -11.51 -15.89 0.29
N ALA B 52 -11.99 -16.85 1.09
CA ALA B 52 -13.27 -16.64 1.77
C ALA B 52 -13.28 -15.35 2.62
N PRO B 53 -12.15 -15.02 3.33
CA PRO B 53 -12.10 -13.72 4.06
C PRO B 53 -12.50 -12.49 3.21
N GLN B 54 -12.30 -12.55 1.91
CA GLN B 54 -12.68 -11.46 1.00
C GLN B 54 -14.15 -11.23 0.78
N ILE B 55 -14.97 -12.22 1.14
CA ILE B 55 -16.42 -12.14 1.03
C ILE B 55 -17.05 -12.09 2.40
N GLY B 56 -16.20 -12.14 3.43
CA GLY B 56 -16.63 -11.89 4.81
C GLY B 56 -16.61 -13.15 5.65
N VAL B 57 -16.14 -14.25 5.06
CA VAL B 57 -16.12 -15.58 5.66
C VAL B 57 -14.73 -15.99 6.29
N PRO B 58 -14.66 -16.08 7.64
CA PRO B 58 -13.46 -16.44 8.44
C PRO B 58 -12.98 -17.89 8.28
N LEU B 59 -13.01 -18.38 7.04
CA LEU B 59 -12.73 -19.82 6.79
C LEU B 59 -11.69 -20.09 5.69
N ARG B 60 -11.04 -21.26 5.83
CA ARG B 60 -9.95 -21.57 4.89
C ARG B 60 -10.42 -22.35 3.66
N ILE B 61 -10.80 -21.55 2.64
CA ILE B 61 -11.34 -21.96 1.37
C ILE B 61 -10.85 -20.89 0.35
N ILE B 62 -10.24 -21.34 -0.75
CA ILE B 62 -9.85 -20.51 -1.89
C ILE B 62 -10.49 -21.06 -3.21
N VAL B 63 -10.69 -20.19 -4.18
CA VAL B 63 -11.09 -20.59 -5.53
C VAL B 63 -10.18 -19.92 -6.55
N LEU B 64 -9.98 -20.52 -7.73
CA LEU B 64 -9.09 -19.91 -8.71
C LEU B 64 -9.28 -20.58 -10.10
N GLU B 65 -9.13 -19.78 -11.15
CA GLU B 65 -9.19 -20.32 -12.47
C GLU B 65 -8.56 -19.33 -13.33
N ASP B 66 -8.00 -19.75 -14.47
CA ASP B 66 -7.46 -18.75 -15.42
C ASP B 66 -7.77 -19.30 -16.73
N THR B 67 -8.29 -18.46 -17.62
CA THR B 67 -8.92 -18.93 -18.85
C THR B 67 -8.25 -18.34 -20.13
N LYS B 68 -8.44 -19.00 -21.26
CA LYS B 68 -8.01 -18.50 -22.58
C LYS B 68 -8.65 -17.12 -22.90
N GLU B 69 -9.90 -16.94 -22.51
CA GLU B 69 -10.43 -15.54 -22.40
C GLU B 69 -9.53 -14.53 -21.49
N TYR B 70 -9.34 -14.72 -20.21
CA TYR B 70 -8.55 -13.69 -19.40
C TYR B 70 -7.15 -13.41 -19.95
N ILE B 71 -6.60 -14.48 -20.54
CA ILE B 71 -5.19 -14.52 -20.86
C ILE B 71 -5.02 -13.76 -22.14
N SER B 72 -6.05 -13.86 -23.02
CA SER B 72 -6.19 -13.00 -24.24
C SER B 72 -6.16 -11.47 -24.10
N TYR B 73 -6.64 -10.86 -23.01
CA TYR B 73 -6.49 -9.38 -22.67
C TYR B 73 -5.07 -8.94 -22.22
N ALA B 74 -4.08 -9.79 -22.48
CA ALA B 74 -2.75 -9.55 -21.87
C ALA B 74 -1.95 -9.87 -23.09
N PRO B 75 -0.82 -9.17 -23.30
CA PRO B 75 -0.31 -9.55 -24.64
C PRO B 75 0.70 -10.67 -24.43
N LYS B 76 0.69 -11.63 -25.35
CA LYS B 76 1.74 -12.67 -25.59
C LYS B 76 3.08 -12.61 -24.77
N GLU B 77 3.69 -11.45 -24.79
CA GLU B 77 5.04 -11.26 -24.38
C GLU B 77 5.00 -11.38 -22.88
N GLU B 78 3.97 -10.76 -22.27
CA GLU B 78 3.69 -10.89 -20.85
C GLU B 78 3.31 -12.34 -20.43
N ILE B 79 2.38 -12.94 -21.18
CA ILE B 79 1.94 -14.31 -20.96
C ILE B 79 3.15 -15.27 -20.76
N LEU B 80 4.04 -15.25 -21.75
CA LEU B 80 5.27 -16.02 -21.76
C LEU B 80 6.10 -15.81 -20.51
N ALA B 81 6.61 -14.60 -20.34
CA ALA B 81 7.48 -14.22 -19.22
C ALA B 81 6.98 -14.78 -17.90
N GLN B 82 5.69 -14.56 -17.64
CA GLN B 82 5.07 -14.93 -16.37
C GLN B 82 4.70 -16.40 -16.27
N GLU B 83 5.00 -17.22 -17.30
CA GLU B 83 4.69 -18.64 -17.29
C GLU B 83 3.22 -18.79 -16.93
N ARG B 84 2.41 -18.03 -17.65
CA ARG B 84 0.98 -17.91 -17.37
C ARG B 84 0.17 -18.71 -18.44
N ARG B 85 -0.58 -19.71 -17.98
CA ARG B 85 -1.27 -20.68 -18.80
C ARG B 85 -2.58 -20.88 -18.09
N HIS B 86 -3.63 -21.18 -18.83
CA HIS B 86 -4.93 -21.53 -18.22
C HIS B 86 -4.96 -22.78 -17.31
N PHE B 87 -5.97 -22.82 -16.45
CA PHE B 87 -6.21 -23.94 -15.64
C PHE B 87 -7.66 -23.96 -15.20
N ASP B 88 -8.15 -25.18 -15.01
CA ASP B 88 -9.49 -25.39 -14.53
C ASP B 88 -9.76 -24.84 -13.14
N LEU B 89 -10.97 -24.31 -13.02
CA LEU B 89 -11.48 -23.84 -11.79
C LEU B 89 -11.19 -24.89 -10.68
N MET B 90 -10.63 -24.36 -9.59
CA MET B 90 -10.19 -25.09 -8.44
C MET B 90 -10.84 -24.53 -7.14
N VAL B 91 -11.28 -25.43 -6.27
CA VAL B 91 -11.67 -25.14 -4.91
C VAL B 91 -10.76 -25.90 -4.02
N MET B 92 -10.08 -25.22 -3.07
CA MET B 92 -9.36 -25.93 -2.01
C MET B 92 -9.85 -25.49 -0.64
N VAL B 93 -10.14 -26.47 0.21
CA VAL B 93 -10.65 -26.26 1.56
C VAL B 93 -9.52 -26.70 2.44
N ASN B 94 -9.26 -25.90 3.50
CA ASN B 94 -8.10 -26.08 4.31
C ASN B 94 -6.82 -26.33 3.50
N PRO B 95 -6.46 -25.43 2.57
CA PRO B 95 -5.25 -25.76 1.80
C PRO B 95 -3.97 -25.49 2.58
N VAL B 96 -2.92 -26.25 2.26
CA VAL B 96 -1.61 -26.14 2.93
C VAL B 96 -0.49 -26.12 1.82
N LEU B 97 0.09 -24.94 1.59
CA LEU B 97 1.15 -24.69 0.63
C LEU B 97 2.55 -24.82 1.21
N LYS B 98 3.39 -25.63 0.54
CA LYS B 98 4.90 -25.56 0.71
C LYS B 98 5.57 -25.36 -0.68
N GLU B 99 6.68 -24.65 -0.74
CA GLU B 99 7.38 -24.57 -2.01
C GLU B 99 8.09 -25.94 -2.40
N ARG B 100 8.13 -26.31 -3.70
CA ARG B 100 8.87 -27.48 -4.26
C ARG B 100 10.41 -27.20 -4.36
N SER B 101 10.79 -25.94 -4.40
CA SER B 101 12.18 -25.51 -4.61
C SER B 101 12.32 -24.05 -4.16
N ASN B 102 13.55 -23.50 -4.17
CA ASN B 102 13.81 -22.08 -3.85
C ASN B 102 13.75 -21.15 -5.09
N LYS B 103 13.28 -21.66 -6.24
CA LYS B 103 13.12 -20.80 -7.42
C LYS B 103 12.01 -19.77 -7.06
N LYS B 104 12.26 -18.49 -7.37
CA LYS B 104 11.24 -17.43 -7.27
C LYS B 104 11.28 -16.63 -8.55
N ALA B 105 10.30 -15.76 -8.66
CA ALA B 105 10.08 -14.90 -9.81
C ALA B 105 9.41 -13.65 -9.20
N LEU B 106 9.66 -12.48 -9.83
CA LEU B 106 9.10 -11.12 -9.43
C LEU B 106 8.22 -10.52 -10.55
N PHE B 107 6.99 -10.16 -10.21
CA PHE B 107 6.07 -9.53 -11.14
C PHE B 107 5.01 -8.77 -10.34
N PHE B 108 4.23 -7.98 -11.04
CA PHE B 108 3.15 -7.26 -10.43
C PHE B 108 1.95 -8.12 -10.18
N GLU B 109 1.42 -7.85 -8.98
CA GLU B 109 0.19 -8.34 -8.39
C GLU B 109 -0.72 -7.20 -8.00
N GLY B 110 -2.02 -7.47 -8.00
CA GLY B 110 -3.05 -6.63 -7.41
C GLY B 110 -4.07 -7.49 -6.65
N CYS B 111 -4.91 -6.81 -5.85
CA CYS B 111 -5.89 -7.54 -5.09
C CYS B 111 -7.23 -6.88 -5.18
N GLU B 112 -8.27 -7.69 -5.22
CA GLU B 112 -9.63 -7.15 -5.21
C GLU B 112 -9.94 -6.31 -3.93
N SER B 113 -9.21 -6.64 -2.87
CA SER B 113 -9.38 -6.00 -1.57
C SER B 113 -8.55 -4.70 -1.45
N VAL B 114 -7.82 -4.37 -2.50
CA VAL B 114 -6.95 -3.11 -2.59
C VAL B 114 -7.17 -2.53 -4.01
N ASP B 115 -8.28 -1.80 -4.22
CA ASP B 115 -8.71 -1.49 -5.52
C ASP B 115 -7.79 -0.41 -6.19
N GLY B 116 -7.35 -0.71 -7.43
CA GLY B 116 -6.71 0.30 -8.31
C GLY B 116 -5.21 0.49 -8.17
N PHE B 117 -4.55 -0.42 -7.46
CA PHE B 117 -3.12 -0.37 -7.27
C PHE B 117 -2.45 -1.72 -7.62
N ARG B 118 -1.09 -1.73 -7.83
CA ARG B 118 -0.33 -2.96 -8.07
C ARG B 118 1.00 -2.85 -7.42
N ALA B 119 1.68 -3.96 -7.14
CA ALA B 119 3.11 -3.83 -6.80
C ALA B 119 3.82 -5.08 -7.19
N ALA B 120 5.14 -5.04 -7.22
CA ALA B 120 5.94 -6.21 -7.60
C ALA B 120 6.10 -7.07 -6.36
N VAL B 121 5.53 -8.27 -6.41
CA VAL B 121 5.68 -9.21 -5.29
C VAL B 121 6.57 -10.42 -5.73
N GLU B 122 7.56 -10.79 -4.92
CA GLU B 122 8.36 -12.02 -5.07
C GLU B 122 7.66 -13.30 -4.52
N ARG B 123 7.42 -14.26 -5.41
CA ARG B 123 6.68 -15.46 -5.09
C ARG B 123 7.61 -16.61 -5.52
N TYR B 124 7.36 -17.82 -4.99
CA TYR B 124 7.92 -19.08 -5.45
C TYR B 124 7.41 -19.44 -6.83
N LEU B 125 8.27 -20.02 -7.67
CA LEU B 125 7.82 -20.60 -8.91
C LEU B 125 7.21 -22.03 -8.83
N GLU B 126 7.56 -22.80 -7.81
CA GLU B 126 7.02 -24.17 -7.81
C GLU B 126 6.40 -24.46 -6.44
N VAL B 127 5.09 -24.76 -6.41
CA VAL B 127 4.42 -25.17 -5.17
C VAL B 127 3.62 -26.51 -5.25
N VAL B 128 3.28 -27.04 -4.07
CA VAL B 128 2.35 -28.16 -3.93
C VAL B 128 1.44 -27.69 -2.78
N VAL B 129 0.14 -27.91 -2.94
CA VAL B 129 -0.87 -27.44 -2.00
C VAL B 129 -1.83 -28.64 -1.73
N THR B 130 -1.61 -29.39 -0.66
CA THR B 130 -2.60 -30.33 -0.16
C THR B 130 -3.79 -29.62 0.56
N GLY B 131 -5.00 -30.20 0.46
CA GLY B 131 -6.25 -29.78 1.09
C GLY B 131 -7.33 -30.73 0.58
N TYR B 132 -8.58 -30.27 0.62
CA TYR B 132 -9.77 -31.02 0.17
C TYR B 132 -10.49 -30.23 -0.91
N ASP B 133 -11.12 -30.96 -1.86
CA ASP B 133 -11.89 -30.28 -2.92
C ASP B 133 -13.30 -29.87 -2.49
N ARG B 134 -14.09 -29.49 -3.47
CA ARG B 134 -15.44 -29.02 -3.21
C ARG B 134 -16.46 -30.01 -2.51
N GLN B 135 -16.26 -31.33 -2.71
CA GLN B 135 -17.13 -32.34 -2.10
C GLN B 135 -16.49 -33.04 -0.84
N GLY B 136 -15.31 -32.60 -0.40
CA GLY B 136 -14.65 -33.17 0.74
C GLY B 136 -13.63 -34.29 0.51
N LYS B 137 -13.03 -34.28 -0.68
CA LYS B 137 -12.13 -35.34 -1.09
C LYS B 137 -10.75 -34.80 -1.02
N ARG B 138 -9.85 -35.57 -0.44
CA ARG B 138 -8.43 -35.16 -0.32
C ARG B 138 -7.83 -34.96 -1.73
N ILE B 139 -7.07 -33.88 -1.95
CA ILE B 139 -6.49 -33.51 -3.25
C ILE B 139 -5.10 -32.90 -3.07
N GLU B 140 -4.15 -33.28 -3.92
CA GLU B 140 -2.82 -32.69 -3.91
C GLU B 140 -2.59 -32.08 -5.27
N VAL B 141 -2.10 -30.85 -5.28
CA VAL B 141 -2.04 -30.03 -6.45
C VAL B 141 -0.64 -29.48 -6.55
N ASN B 142 0.15 -30.00 -7.50
CA ASN B 142 1.45 -29.43 -7.89
C ASN B 142 1.29 -28.37 -9.00
N ALA B 143 1.69 -27.14 -8.72
CA ALA B 143 1.58 -25.98 -9.62
C ALA B 143 2.90 -25.26 -9.81
N SER B 144 3.06 -24.65 -10.97
CA SER B 144 4.24 -23.81 -11.29
C SER B 144 3.77 -22.49 -11.93
N GLY B 145 4.62 -21.49 -11.96
CA GLY B 145 4.35 -20.26 -12.73
C GLY B 145 3.29 -19.41 -12.12
N TRP B 146 2.45 -18.83 -12.96
CA TRP B 146 1.42 -17.89 -12.56
C TRP B 146 0.50 -18.52 -11.62
N GLN B 147 0.13 -19.74 -11.95
CA GLN B 147 -0.79 -20.53 -11.12
C GLN B 147 -0.29 -20.72 -9.67
N ALA B 148 1.00 -21.04 -9.52
CA ALA B 148 1.69 -21.01 -8.23
C ALA B 148 1.58 -19.65 -7.46
N ARG B 149 1.77 -18.53 -8.16
CA ARG B 149 1.58 -17.20 -7.63
C ARG B 149 0.20 -16.98 -7.03
N ILE B 150 -0.83 -17.30 -7.82
CA ILE B 150 -2.28 -17.18 -7.43
C ILE B 150 -2.56 -17.99 -6.17
N LEU B 151 -2.02 -19.23 -6.12
CA LEU B 151 -2.20 -20.03 -4.91
C LEU B 151 -1.51 -19.41 -3.68
N GLN B 152 -0.34 -18.79 -3.86
CA GLN B 152 0.34 -18.12 -2.73
C GLN B 152 -0.42 -16.89 -2.35
N HIS B 153 -0.84 -16.12 -3.31
CA HIS B 153 -1.70 -14.97 -3.02
C HIS B 153 -2.93 -15.27 -2.18
N GLU B 154 -3.66 -16.26 -2.63
CA GLU B 154 -4.96 -16.70 -2.11
C GLU B 154 -4.74 -17.36 -0.76
N CYS B 155 -3.69 -18.18 -0.63
CA CYS B 155 -3.34 -18.84 0.68
C CYS B 155 -2.82 -17.91 1.81
N ASP B 156 -2.07 -16.86 1.44
CA ASP B 156 -1.73 -15.74 2.33
C ASP B 156 -2.98 -15.04 2.93
N HIS B 157 -4.10 -14.90 2.17
CA HIS B 157 -5.35 -14.30 2.71
C HIS B 157 -5.91 -15.03 3.91
N LEU B 158 -5.59 -16.31 4.05
CA LEU B 158 -6.19 -17.16 5.03
C LEU B 158 -5.43 -16.99 6.33
N ASP B 159 -4.24 -16.48 6.24
CA ASP B 159 -3.55 -16.06 7.39
C ASP B 159 -3.63 -14.56 7.60
N GLY B 160 -4.47 -13.84 6.90
CA GLY B 160 -4.66 -12.42 7.21
C GLY B 160 -3.55 -11.55 6.63
N ASN B 161 -2.88 -12.03 5.60
CA ASN B 161 -1.72 -11.37 5.02
C ASN B 161 -2.08 -10.86 3.56
N LEU B 162 -1.79 -9.59 3.27
CA LEU B 162 -2.09 -8.94 1.98
C LEU B 162 -0.75 -8.62 1.34
N TYR B 163 -0.71 -8.57 0.01
CA TYR B 163 0.59 -8.45 -0.70
C TYR B 163 1.27 -7.12 -0.40
N VAL B 164 0.51 -6.13 0.02
CA VAL B 164 1.09 -4.82 0.36
C VAL B 164 2.15 -4.93 1.53
N ASP B 165 2.08 -5.98 2.33
CA ASP B 165 3.04 -6.07 3.37
C ASP B 165 4.20 -6.99 3.06
N LYS B 166 4.30 -7.47 1.82
CA LYS B 166 5.47 -8.25 1.35
C LYS B 166 5.85 -7.85 -0.06
N MET B 167 5.65 -6.58 -0.40
CA MET B 167 6.01 -6.06 -1.74
C MET B 167 7.43 -5.48 -1.81
N VAL B 168 8.02 -5.51 -3.01
CA VAL B 168 9.30 -4.88 -3.23
C VAL B 168 9.15 -3.35 -3.00
N PRO B 169 10.04 -2.74 -2.19
CA PRO B 169 9.88 -1.30 -1.95
C PRO B 169 10.04 -0.48 -3.23
N ARG B 170 9.29 0.61 -3.34
CA ARG B 170 9.40 1.55 -4.44
C ARG B 170 8.81 0.99 -5.71
N THR B 171 7.94 -0.02 -5.66
CA THR B 171 7.28 -0.56 -6.87
C THR B 171 5.72 -0.31 -6.78
N PHE B 172 5.19 -0.07 -5.58
CA PHE B 172 3.77 0.22 -5.39
C PHE B 172 3.29 1.31 -6.38
N ARG B 173 2.19 1.03 -7.07
CA ARG B 173 1.74 1.97 -8.07
C ARG B 173 0.28 1.92 -8.34
N THR B 174 -0.24 2.96 -8.97
CA THR B 174 -1.60 2.89 -9.46
C THR B 174 -1.62 2.01 -10.78
N VAL B 175 -2.72 1.29 -11.01
CA VAL B 175 -2.90 0.52 -12.27
C VAL B 175 -2.63 1.35 -13.52
N ASP B 176 -3.14 2.56 -13.63
CA ASP B 176 -2.80 3.46 -14.79
C ASP B 176 -1.32 3.72 -15.00
N ASN B 177 -0.53 3.61 -13.92
CA ASN B 177 0.92 3.77 -13.93
C ASN B 177 1.71 2.47 -14.02
N LEU B 178 1.05 1.36 -14.37
CA LEU B 178 1.67 0.02 -14.35
C LEU B 178 2.96 -0.16 -15.16
N ASP B 179 3.02 0.45 -16.32
CA ASP B 179 4.09 0.19 -17.29
C ASP B 179 5.19 1.22 -17.22
N LEU B 180 5.17 2.04 -16.18
CA LEU B 180 6.17 3.12 -16.06
C LEU B 180 7.44 2.45 -15.56
N PRO B 181 8.61 3.08 -15.78
CA PRO B 181 9.83 2.30 -15.52
C PRO B 181 9.91 1.91 -14.08
N LEU B 182 10.75 0.94 -13.74
CA LEU B 182 10.99 0.68 -12.30
C LEU B 182 12.07 1.67 -11.88
N ALA B 183 12.06 2.10 -10.62
CA ALA B 183 12.90 3.19 -10.13
C ALA B 183 14.32 2.69 -9.98
N GLU B 184 15.28 3.60 -10.00
CA GLU B 184 16.65 3.21 -9.74
C GLU B 184 16.83 2.40 -8.49
N GLY B 185 17.48 1.24 -8.62
CA GLY B 185 17.83 0.44 -7.45
C GLY B 185 16.95 -0.78 -7.32
N CYS B 186 15.72 -0.70 -7.79
CA CYS B 186 14.77 -1.84 -7.79
C CYS B 186 15.28 -3.13 -8.53
N PRO B 187 15.00 -4.35 -8.01
CA PRO B 187 15.25 -5.62 -8.80
C PRO B 187 14.55 -5.73 -10.21
N LYS B 188 15.21 -6.32 -11.21
CA LYS B 188 14.46 -6.48 -12.46
C LYS B 188 13.23 -7.50 -12.30
N LEU B 189 12.16 -7.25 -13.03
CA LEU B 189 11.07 -8.18 -13.03
C LEU B 189 11.53 -9.50 -13.69
N GLY B 190 10.82 -10.62 -13.39
CA GLY B 190 11.15 -12.02 -13.90
C GLY B 190 11.87 -12.98 -12.93
N SER B 191 12.60 -13.96 -13.48
CA SER B 191 13.17 -15.10 -12.69
C SER B 191 14.56 -14.89 -12.08
N MET C 1 0.84 15.62 3.22
CA MET C 1 0.29 14.50 3.98
C MET C 1 -1.19 14.82 3.99
N ALA C 2 -2.05 13.79 4.03
CA ALA C 2 -3.52 13.96 4.13
C ALA C 2 -3.85 14.79 5.37
N SER C 3 -4.81 15.71 5.30
CA SER C 3 -5.11 16.60 6.41
C SER C 3 -6.22 16.09 7.32
N MET D 1 -6.80 -12.87 -6.71
CA MET D 1 -5.81 -11.96 -7.33
C MET D 1 -6.38 -11.26 -8.59
N ALA D 2 -5.96 -10.03 -8.82
CA ALA D 2 -6.41 -9.24 -9.98
C ALA D 2 -5.94 -9.91 -11.32
N SER D 3 -6.75 -9.96 -12.39
CA SER D 3 -6.19 -10.34 -13.78
C SER D 3 -5.84 -9.10 -14.62
#